data_8DU0
#
_entry.id   8DU0
#
_cell.length_a   75.820
_cell.length_b   75.820
_cell.length_c   112.530
_cell.angle_alpha   90.000
_cell.angle_beta   90.000
_cell.angle_gamma   120.000
#
_symmetry.space_group_name_H-M   'P 31 2 1'
#
loop_
_entity.id
_entity.type
_entity.pdbx_description
1 polymer 'GDP-L-fucose synthase'
2 non-polymer 'NADP NICOTINAMIDE-ADENINE-DINUCLEOTIDE PHOSPHATE'
3 non-polymer GLYCEROL
4 water water
#
_entity_poly.entity_id   1
_entity_poly.type   'polypeptide(L)'
_entity_poly.pdbx_seq_one_letter_code
;MAHHHHHHMISTAETGREPVYSLTGKKIFVAGHTGMVGSAILRRLQHEDCDIITAAHSVLDLTRQGPTENFISGHRPDVI
IIAAARVGGILANSRFPADFLYDNLAIGMNLIHAAHQIGVERLLWLGSSCIYPRDAAQPLTEDALLTGPLEPTNEAYAIA
KIAGLKYAQSCARQFGDRFITAMPTNLYGPNDNFDPTSSHVLPALIRRVHEARMRGAEEVVLWGSGKPLREFLHVDDLAD
ACLHLLRFYNGIEPVNIGSGEEISIKELALTVARIVGYEGRFEHDLSKPDGTPRKLLDTSRIEALGWQPRIHLEDGLRDV
YRNWLEETAGSVAA
;
_entity_poly.pdbx_strand_id   A
#
loop_
_chem_comp.id
_chem_comp.type
_chem_comp.name
_chem_comp.formula
GOL non-polymer GLYCEROL 'C3 H8 O3'
NAP non-polymer 'NADP NICOTINAMIDE-ADENINE-DINUCLEOTIDE PHOSPHATE' 'C21 H28 N7 O17 P3'
#
# COMPACT_ATOMS: atom_id res chain seq x y z
N PRO A 19 6.50 -10.05 -20.61
CA PRO A 19 6.55 -10.46 -19.19
C PRO A 19 7.97 -10.78 -18.74
N VAL A 20 8.55 -9.96 -17.87
CA VAL A 20 9.90 -10.24 -17.42
C VAL A 20 9.95 -11.36 -16.38
N TYR A 21 8.83 -11.65 -15.72
CA TYR A 21 8.83 -12.62 -14.63
C TYR A 21 7.44 -13.23 -14.49
N SER A 22 7.41 -14.55 -14.31
CA SER A 22 6.18 -15.29 -14.10
C SER A 22 6.13 -15.83 -12.68
N LEU A 23 5.01 -15.58 -12.00
CA LEU A 23 4.81 -16.09 -10.65
C LEU A 23 4.45 -17.57 -10.61
N THR A 24 4.11 -18.19 -11.73
CA THR A 24 3.66 -19.58 -11.72
C THR A 24 4.81 -20.51 -11.32
N GLY A 25 4.52 -21.45 -10.42
CA GLY A 25 5.52 -22.31 -9.86
C GLY A 25 6.36 -21.72 -8.72
N LYS A 26 6.25 -20.42 -8.45
CA LYS A 26 7.11 -19.77 -7.46
C LYS A 26 6.48 -19.74 -6.07
N LYS A 27 7.35 -19.71 -5.06
CA LYS A 27 6.97 -19.57 -3.66
C LYS A 27 6.89 -18.08 -3.31
N ILE A 28 5.73 -17.62 -2.87
CA ILE A 28 5.50 -16.19 -2.65
C ILE A 28 5.19 -15.95 -1.19
N PHE A 29 6.09 -15.28 -0.48
CA PHE A 29 5.87 -14.87 0.90
C PHE A 29 5.15 -13.53 0.91
N VAL A 30 3.95 -13.52 1.49
CA VAL A 30 3.15 -12.30 1.63
C VAL A 30 3.27 -11.88 3.09
N ALA A 31 4.22 -10.99 3.38
CA ALA A 31 4.36 -10.40 4.71
C ALA A 31 3.17 -9.52 5.03
N GLY A 32 2.69 -9.60 6.28
CA GLY A 32 1.57 -8.77 6.69
C GLY A 32 0.25 -9.16 6.04
N HIS A 33 0.00 -10.47 5.92
CA HIS A 33 -1.16 -10.93 5.18
C HIS A 33 -2.47 -10.61 5.88
N THR A 34 -2.45 -10.29 7.18
CA THR A 34 -3.68 -9.87 7.85
C THR A 34 -4.00 -8.41 7.62
N GLY A 35 -3.08 -7.65 7.05
CA GLY A 35 -3.31 -6.24 6.80
C GLY A 35 -4.33 -6.02 5.69
N MET A 36 -4.72 -4.75 5.55
CA MET A 36 -5.64 -4.38 4.49
C MET A 36 -5.04 -4.64 3.12
N VAL A 37 -3.78 -4.21 2.91
CA VAL A 37 -3.13 -4.48 1.63
C VAL A 37 -2.69 -5.93 1.55
N GLY A 38 -2.12 -6.46 2.64
CA GLY A 38 -1.65 -7.84 2.62
C GLY A 38 -2.73 -8.85 2.31
N SER A 39 -3.94 -8.65 2.88
CA SER A 39 -5.02 -9.58 2.62
C SER A 39 -5.50 -9.48 1.17
N ALA A 40 -5.47 -8.28 0.59
CA ALA A 40 -5.83 -8.14 -0.82
C ALA A 40 -4.85 -8.88 -1.71
N ILE A 41 -3.55 -8.84 -1.38
CA ILE A 41 -2.57 -9.58 -2.17
C ILE A 41 -2.84 -11.07 -2.07
N LEU A 42 -3.09 -11.55 -0.85
CA LEU A 42 -3.34 -12.97 -0.64
C LEU A 42 -4.57 -13.42 -1.41
N ARG A 43 -5.62 -12.58 -1.41
CA ARG A 43 -6.81 -12.92 -2.18
C ARG A 43 -6.49 -13.02 -3.67
N ARG A 44 -5.77 -12.02 -4.20
CA ARG A 44 -5.43 -12.06 -5.62
C ARG A 44 -4.52 -13.23 -5.95
N LEU A 45 -3.75 -13.72 -4.97
CA LEU A 45 -2.78 -14.77 -5.24
C LEU A 45 -3.38 -16.16 -5.26
N GLN A 46 -4.43 -16.42 -4.46
CA GLN A 46 -4.91 -17.79 -4.35
C GLN A 46 -5.48 -18.29 -5.67
N HIS A 47 -5.85 -17.38 -6.57
CA HIS A 47 -6.14 -17.75 -7.95
C HIS A 47 -4.91 -18.31 -8.64
N GLU A 48 -3.76 -17.65 -8.45
CA GLU A 48 -2.54 -17.98 -9.18
C GLU A 48 -2.08 -19.40 -8.88
N ASP A 49 -1.29 -19.95 -9.79
CA ASP A 49 -0.63 -21.25 -9.62
C ASP A 49 0.72 -21.00 -8.97
N CYS A 50 0.73 -20.97 -7.64
CA CYS A 50 1.95 -20.71 -6.88
C CYS A 50 1.78 -21.29 -5.48
N ASP A 51 2.88 -21.29 -4.72
CA ASP A 51 2.88 -21.72 -3.33
C ASP A 51 2.99 -20.50 -2.44
N ILE A 52 1.95 -20.24 -1.67
CA ILE A 52 1.86 -19.03 -0.84
C ILE A 52 2.29 -19.36 0.58
N ILE A 53 3.11 -18.48 1.15
CA ILE A 53 3.73 -18.65 2.46
C ILE A 53 3.34 -17.45 3.32
N THR A 54 2.83 -17.70 4.51
CA THR A 54 2.45 -16.63 5.43
C THR A 54 2.99 -16.90 6.83
N ALA A 55 3.10 -15.82 7.59
CA ALA A 55 3.46 -15.87 9.01
C ALA A 55 2.64 -14.82 9.74
N ALA A 56 1.87 -15.25 10.74
CA ALA A 56 1.09 -14.30 11.51
C ALA A 56 2.02 -13.42 12.34
N HIS A 57 1.55 -12.21 12.66
CA HIS A 57 2.36 -11.31 13.46
C HIS A 57 2.66 -11.92 14.83
N SER A 58 1.77 -12.78 15.33
CA SER A 58 1.93 -13.42 16.63
C SER A 58 3.09 -14.41 16.66
N VAL A 59 3.48 -14.95 15.53
CA VAL A 59 4.51 -15.98 15.49
C VAL A 59 5.84 -15.46 14.93
N LEU A 60 5.82 -14.39 14.12
CA LEU A 60 7.04 -13.85 13.54
C LEU A 60 6.97 -12.34 13.59
N ASP A 61 7.63 -11.74 14.58
CA ASP A 61 7.82 -10.29 14.63
C ASP A 61 8.88 -9.92 13.61
N LEU A 62 8.49 -9.16 12.58
CA LEU A 62 9.42 -8.94 11.49
C LEU A 62 10.45 -7.85 11.81
N THR A 63 10.37 -7.23 12.99
CA THR A 63 11.44 -6.35 13.46
C THR A 63 12.60 -7.13 14.06
N ARG A 64 12.42 -8.43 14.32
CA ARG A 64 13.45 -9.26 14.92
C ARG A 64 14.30 -9.87 13.82
N GLN A 65 15.55 -9.42 13.73
CA GLN A 65 16.42 -9.81 12.63
C GLN A 65 16.68 -11.31 12.62
N GLY A 66 16.84 -11.90 13.79
CA GLY A 66 17.14 -13.29 13.89
C GLY A 66 16.01 -14.16 13.34
N PRO A 67 14.86 -14.11 14.00
CA PRO A 67 13.70 -14.88 13.50
C PRO A 67 13.37 -14.58 12.05
N THR A 68 13.46 -13.33 11.61
CA THR A 68 13.09 -13.02 10.22
C THR A 68 14.04 -13.71 9.25
N GLU A 69 15.34 -13.70 9.54
CA GLU A 69 16.29 -14.32 8.64
C GLU A 69 16.12 -15.83 8.60
N ASN A 70 15.87 -16.45 9.75
CA ASN A 70 15.69 -17.90 9.76
C ASN A 70 14.44 -18.31 9.01
N PHE A 71 13.39 -17.50 9.11
CA PHE A 71 12.17 -17.79 8.35
C PHE A 71 12.41 -17.65 6.84
N ILE A 72 13.25 -16.69 6.44
CA ILE A 72 13.53 -16.50 5.02
C ILE A 72 14.50 -17.58 4.52
N SER A 73 15.49 -17.94 5.35
CA SER A 73 16.45 -18.96 4.96
C SER A 73 15.88 -20.38 5.01
N GLY A 74 14.85 -20.61 5.83
CA GLY A 74 14.24 -21.92 5.92
C GLY A 74 13.23 -22.19 4.83
N HIS A 75 12.41 -21.18 4.50
CA HIS A 75 11.36 -21.34 3.50
C HIS A 75 11.82 -20.98 2.10
N ARG A 76 12.81 -20.10 1.96
CA ARG A 76 13.42 -19.77 0.68
C ARG A 76 12.39 -19.36 -0.38
N PRO A 77 11.62 -18.30 -0.14
CA PRO A 77 10.67 -17.87 -1.17
C PRO A 77 11.40 -17.25 -2.35
N ASP A 78 10.85 -17.47 -3.54
CA ASP A 78 11.34 -16.77 -4.72
C ASP A 78 10.93 -15.31 -4.72
N VAL A 79 9.85 -14.98 -4.02
CA VAL A 79 9.20 -13.69 -4.12
C VAL A 79 8.80 -13.27 -2.71
N ILE A 80 9.16 -12.05 -2.33
CA ILE A 80 8.71 -11.51 -1.06
C ILE A 80 7.92 -10.25 -1.34
N ILE A 81 6.68 -10.23 -0.85
CA ILE A 81 5.83 -9.04 -0.95
C ILE A 81 5.65 -8.49 0.46
N ILE A 82 6.22 -7.31 0.71
CA ILE A 82 6.27 -6.75 2.06
C ILE A 82 5.08 -5.82 2.24
N ALA A 83 4.01 -6.36 2.83
CA ALA A 83 2.85 -5.56 3.22
C ALA A 83 2.74 -5.43 4.74
N ALA A 84 3.76 -5.88 5.46
CA ALA A 84 3.76 -5.72 6.91
C ALA A 84 4.23 -4.31 7.24
N ALA A 85 3.56 -3.67 8.22
CA ALA A 85 3.83 -2.27 8.49
C ALA A 85 3.10 -1.86 9.75
N ARG A 86 3.55 -0.72 10.30
CA ARG A 86 2.81 0.00 11.32
C ARG A 86 2.28 1.27 10.70
N VAL A 87 0.95 1.38 10.65
CA VAL A 87 0.26 2.45 9.96
C VAL A 87 -0.78 3.03 10.91
N GLY A 88 -1.09 4.31 10.73
CA GLY A 88 -2.12 4.93 11.54
C GLY A 88 -2.36 6.36 11.10
N GLY A 89 -3.23 7.03 11.84
CA GLY A 89 -3.64 8.39 11.53
C GLY A 89 -2.67 9.42 12.06
N ILE A 90 -3.10 10.69 11.97
CA ILE A 90 -2.21 11.80 12.30
C ILE A 90 -1.91 11.81 13.79
N LEU A 91 -2.90 11.48 14.63
CA LEU A 91 -2.67 11.45 16.07
C LEU A 91 -1.64 10.40 16.45
N ALA A 92 -1.77 9.18 15.92
CA ALA A 92 -0.81 8.13 16.23
C ALA A 92 0.60 8.51 15.79
N ASN A 93 0.74 9.04 14.56
CA ASN A 93 2.08 9.30 14.04
C ASN A 93 2.78 10.40 14.84
N SER A 94 2.04 11.42 15.28
CA SER A 94 2.70 12.49 15.99
C SER A 94 2.99 12.13 17.45
N ARG A 95 2.23 11.21 18.03
CA ARG A 95 2.44 10.79 19.42
C ARG A 95 3.38 9.59 19.53
N PHE A 96 3.48 8.73 18.51
CA PHE A 96 4.37 7.59 18.63
C PHE A 96 5.40 7.56 17.50
N PRO A 97 6.11 8.67 17.25
CA PRO A 97 6.99 8.68 16.07
C PRO A 97 8.06 7.59 16.13
N ALA A 98 8.65 7.34 17.30
CA ALA A 98 9.68 6.30 17.36
C ALA A 98 9.15 4.93 16.96
N ASP A 99 7.93 4.60 17.39
CA ASP A 99 7.34 3.33 16.96
C ASP A 99 7.06 3.31 15.46
N PHE A 100 6.57 4.42 14.91
CA PHE A 100 6.26 4.41 13.48
C PHE A 100 7.54 4.38 12.64
N LEU A 101 8.62 4.98 13.13
CA LEU A 101 9.87 4.88 12.39
C LEU A 101 10.49 3.49 12.57
N TYR A 102 10.68 3.06 13.81
CA TYR A 102 11.43 1.82 14.06
C TYR A 102 10.73 0.60 13.47
N ASP A 103 9.43 0.42 13.77
CA ASP A 103 8.73 -0.77 13.27
C ASP A 103 8.89 -0.91 11.77
N ASN A 104 8.58 0.15 11.04
CA ASN A 104 8.61 0.03 9.60
C ASN A 104 10.02 -0.12 9.07
N LEU A 105 11.00 0.60 9.65
CA LEU A 105 12.37 0.51 9.12
C LEU A 105 12.95 -0.87 9.37
N ALA A 106 12.72 -1.42 10.56
CA ALA A 106 13.31 -2.71 10.90
C ALA A 106 12.67 -3.83 10.07
N ILE A 107 11.37 -3.73 9.80
CA ILE A 107 10.72 -4.69 8.89
C ILE A 107 11.40 -4.66 7.53
N GLY A 108 11.54 -3.47 6.95
CA GLY A 108 12.11 -3.39 5.63
C GLY A 108 13.56 -3.81 5.58
N MET A 109 14.34 -3.39 6.59
CA MET A 109 15.75 -3.74 6.62
C MET A 109 15.93 -5.25 6.78
N ASN A 110 15.20 -5.86 7.72
CA ASN A 110 15.36 -7.28 7.97
C ASN A 110 14.94 -8.10 6.77
N LEU A 111 13.85 -7.71 6.09
CA LEU A 111 13.39 -8.52 4.97
C LEU A 111 14.27 -8.31 3.74
N ILE A 112 14.64 -7.06 3.46
CA ILE A 112 15.48 -6.80 2.29
C ILE A 112 16.85 -7.43 2.44
N HIS A 113 17.43 -7.35 3.65
CA HIS A 113 18.76 -7.92 3.85
C HIS A 113 18.68 -9.44 3.73
N ALA A 114 17.70 -10.05 4.41
CA ALA A 114 17.54 -11.50 4.30
C ALA A 114 17.28 -11.92 2.85
N ALA A 115 16.49 -11.12 2.11
CA ALA A 115 16.22 -11.45 0.72
C ALA A 115 17.47 -11.34 -0.15
N HIS A 116 18.29 -10.30 0.09
CA HIS A 116 19.54 -10.20 -0.66
C HIS A 116 20.46 -11.37 -0.34
N GLN A 117 20.55 -11.75 0.94
CA GLN A 117 21.52 -12.77 1.35
C GLN A 117 21.29 -14.10 0.63
N ILE A 118 20.03 -14.52 0.48
CA ILE A 118 19.78 -15.82 -0.14
C ILE A 118 19.47 -15.73 -1.63
N GLY A 119 19.35 -14.53 -2.19
CA GLY A 119 19.12 -14.41 -3.61
C GLY A 119 17.66 -14.47 -4.03
N VAL A 120 16.76 -13.98 -3.19
CA VAL A 120 15.34 -13.90 -3.53
C VAL A 120 15.19 -13.24 -4.90
N GLU A 121 14.44 -13.90 -5.79
CA GLU A 121 14.37 -13.44 -7.16
C GLU A 121 13.67 -12.09 -7.28
N ARG A 122 12.57 -11.90 -6.56
CA ARG A 122 11.85 -10.64 -6.63
C ARG A 122 11.40 -10.24 -5.25
N LEU A 123 11.47 -8.94 -4.98
CA LEU A 123 10.99 -8.38 -3.73
C LEU A 123 10.22 -7.11 -4.03
N LEU A 124 9.12 -6.90 -3.31
CA LEU A 124 8.31 -5.70 -3.44
C LEU A 124 8.17 -5.07 -2.08
N TRP A 125 8.65 -3.84 -1.97
CA TRP A 125 8.45 -2.99 -0.81
C TRP A 125 7.34 -2.00 -1.13
N LEU A 126 6.60 -1.59 -0.10
CA LEU A 126 5.49 -0.67 -0.28
C LEU A 126 5.86 0.68 0.31
N GLY A 127 5.89 1.70 -0.53
CA GLY A 127 6.01 3.07 -0.08
C GLY A 127 4.63 3.65 0.17
N SER A 128 4.50 4.95 -0.08
CA SER A 128 3.26 5.63 0.27
C SER A 128 3.24 7.00 -0.37
N SER A 129 2.04 7.43 -0.76
CA SER A 129 1.88 8.77 -1.29
C SER A 129 2.27 9.85 -0.28
N CYS A 130 2.26 9.56 1.02
CA CYS A 130 2.52 10.61 1.99
C CYS A 130 3.99 10.74 2.36
N ILE A 131 4.90 10.14 1.59
CA ILE A 131 6.32 10.31 1.87
C ILE A 131 7.02 11.16 0.84
N TYR A 132 6.27 11.72 -0.12
CA TYR A 132 6.78 12.76 -0.98
C TYR A 132 6.93 14.07 -0.21
N PRO A 133 7.77 14.97 -0.69
CA PRO A 133 7.87 16.29 -0.05
C PRO A 133 6.52 16.98 0.05
N ARG A 134 6.30 17.68 1.17
CA ARG A 134 5.00 18.30 1.42
CA ARG A 134 4.99 18.29 1.41
C ARG A 134 4.60 19.26 0.30
N ASP A 135 5.55 20.05 -0.19
CA ASP A 135 5.21 21.09 -1.17
C ASP A 135 5.65 20.74 -2.59
N ALA A 136 5.84 19.45 -2.90
CA ALA A 136 6.22 19.08 -4.24
C ALA A 136 5.06 19.29 -5.22
N ALA A 137 5.41 19.56 -6.47
CA ALA A 137 4.41 19.89 -7.46
C ALA A 137 3.45 18.74 -7.67
N GLN A 138 2.18 19.06 -7.73
CA GLN A 138 1.09 18.14 -8.08
C GLN A 138 0.84 18.21 -9.57
N PRO A 139 0.66 17.07 -10.26
CA PRO A 139 0.60 15.69 -9.74
C PRO A 139 1.98 15.14 -9.45
N LEU A 140 2.09 14.25 -8.47
CA LEU A 140 3.37 13.82 -7.94
C LEU A 140 4.03 12.78 -8.83
N THR A 141 5.18 13.13 -9.41
CA THR A 141 5.98 12.15 -10.15
C THR A 141 6.96 11.49 -9.20
N GLU A 142 7.37 10.26 -9.55
CA GLU A 142 8.20 9.50 -8.61
C GLU A 142 9.53 10.21 -8.34
N ASP A 143 10.05 10.95 -9.31
CA ASP A 143 11.32 11.63 -9.09
C ASP A 143 11.21 12.85 -8.18
N ALA A 144 10.01 13.16 -7.66
CA ALA A 144 9.89 14.21 -6.67
C ALA A 144 10.38 13.77 -5.29
N LEU A 145 10.67 12.49 -5.13
CA LEU A 145 11.09 11.96 -3.85
C LEU A 145 12.38 12.64 -3.38
N LEU A 146 12.39 13.05 -2.11
CA LEU A 146 13.54 13.66 -1.43
C LEU A 146 13.92 15.03 -2.00
N THR A 147 13.12 15.62 -2.88
CA THR A 147 13.50 16.91 -3.43
C THR A 147 13.13 18.07 -2.53
N GLY A 148 12.59 17.82 -1.34
CA GLY A 148 12.14 18.88 -0.46
C GLY A 148 11.78 18.38 0.93
N PRO A 149 11.40 19.32 1.82
CA PRO A 149 11.10 18.92 3.20
C PRO A 149 9.87 18.03 3.28
N LEU A 150 9.92 17.09 4.23
CA LEU A 150 8.82 16.20 4.51
C LEU A 150 7.73 16.90 5.31
N GLU A 151 6.52 16.36 5.24
CA GLU A 151 5.47 16.80 6.13
C GLU A 151 5.84 16.40 7.56
N PRO A 152 5.87 17.34 8.50
CA PRO A 152 6.38 17.00 9.84
C PRO A 152 5.58 15.94 10.58
N THR A 153 4.25 15.88 10.44
CA THR A 153 3.49 15.03 11.34
C THR A 153 3.76 13.55 11.12
N ASN A 154 4.09 13.13 9.90
CA ASN A 154 4.41 11.73 9.65
C ASN A 154 5.82 11.58 9.07
N GLU A 155 6.70 12.54 9.39
CA GLU A 155 8.08 12.47 8.92
C GLU A 155 8.77 11.19 9.40
N ALA A 156 8.44 10.74 10.62
CA ALA A 156 9.09 9.54 11.14
C ALA A 156 8.71 8.30 10.33
N TYR A 157 7.41 8.13 10.05
CA TYR A 157 6.97 7.10 9.12
C TYR A 157 7.61 7.26 7.74
N ALA A 158 7.57 8.47 7.19
CA ALA A 158 8.14 8.71 5.86
C ALA A 158 9.61 8.33 5.80
N ILE A 159 10.38 8.68 6.83
CA ILE A 159 11.81 8.41 6.79
C ILE A 159 12.06 6.92 6.77
N ALA A 160 11.27 6.16 7.54
CA ALA A 160 11.40 4.71 7.52
C ALA A 160 11.08 4.14 6.13
N LYS A 161 9.94 4.55 5.55
CA LYS A 161 9.58 4.07 4.21
C LYS A 161 10.61 4.49 3.16
N ILE A 162 11.17 5.70 3.30
CA ILE A 162 12.16 6.16 2.33
C ILE A 162 13.43 5.34 2.44
N ALA A 163 13.88 5.06 3.68
CA ALA A 163 15.12 4.32 3.85
C ALA A 163 14.98 2.91 3.29
N GLY A 164 13.83 2.26 3.53
CA GLY A 164 13.61 0.95 2.95
C GLY A 164 13.62 0.98 1.44
N LEU A 165 12.93 1.95 0.86
CA LEU A 165 12.95 2.11 -0.59
C LEU A 165 14.37 2.26 -1.12
N LYS A 166 15.16 3.14 -0.49
CA LYS A 166 16.53 3.38 -0.94
C LYS A 166 17.43 2.16 -0.68
N TYR A 167 17.15 1.39 0.37
CA TYR A 167 17.95 0.18 0.56
C TYR A 167 17.64 -0.85 -0.52
N ALA A 168 16.35 -1.03 -0.86
CA ALA A 168 16.02 -1.85 -2.01
C ALA A 168 16.69 -1.33 -3.28
N GLN A 169 16.67 -0.01 -3.49
CA GLN A 169 17.33 0.54 -4.68
C GLN A 169 18.83 0.22 -4.66
N SER A 170 19.47 0.33 -3.49
CA SER A 170 20.92 0.12 -3.43
C SER A 170 21.25 -1.34 -3.74
N CYS A 171 20.37 -2.26 -3.32
CA CYS A 171 20.59 -3.67 -3.67
C CYS A 171 20.42 -3.90 -5.16
N ALA A 172 19.43 -3.27 -5.78
CA ALA A 172 19.30 -3.41 -7.23
C ALA A 172 20.54 -2.85 -7.92
N ARG A 173 21.03 -1.70 -7.46
CA ARG A 173 22.20 -1.10 -8.10
C ARG A 173 23.46 -1.94 -7.91
N GLN A 174 23.75 -2.32 -6.66
CA GLN A 174 25.03 -2.95 -6.37
C GLN A 174 25.05 -4.38 -6.88
N PHE A 175 23.96 -5.12 -6.70
CA PHE A 175 23.92 -6.54 -7.00
C PHE A 175 23.02 -6.91 -8.17
N GLY A 176 22.16 -6.00 -8.63
CA GLY A 176 21.16 -6.46 -9.58
C GLY A 176 20.06 -7.27 -8.95
N ASP A 177 19.85 -7.15 -7.64
CA ASP A 177 18.68 -7.75 -7.01
C ASP A 177 17.42 -7.10 -7.58
N ARG A 178 16.45 -7.92 -8.02
CA ARG A 178 15.25 -7.38 -8.66
C ARG A 178 14.21 -6.97 -7.62
N PHE A 179 14.57 -5.93 -6.87
CA PHE A 179 13.80 -5.42 -5.74
C PHE A 179 13.17 -4.09 -6.15
N ILE A 180 11.86 -3.97 -5.99
CA ILE A 180 11.15 -2.78 -6.46
C ILE A 180 10.27 -2.24 -5.36
N THR A 181 9.86 -0.97 -5.52
CA THR A 181 8.98 -0.30 -4.58
C THR A 181 7.79 0.28 -5.31
N ALA A 182 6.58 0.03 -4.79
CA ALA A 182 5.38 0.65 -5.33
C ALA A 182 4.96 1.77 -4.40
N MET A 183 4.49 2.87 -4.97
CA MET A 183 4.02 4.04 -4.24
C MET A 183 2.51 4.16 -4.40
N PRO A 184 1.72 3.65 -3.47
CA PRO A 184 0.26 3.64 -3.65
C PRO A 184 -0.35 5.00 -3.39
N THR A 185 -1.64 5.04 -3.15
CA THR A 185 -2.29 6.28 -2.76
C THR A 185 -3.33 5.90 -1.72
N ASN A 186 -4.28 6.78 -1.43
CA ASN A 186 -5.34 6.45 -0.47
C ASN A 186 -6.10 5.22 -0.93
N LEU A 187 -6.24 4.26 -0.02
CA LEU A 187 -6.87 2.99 -0.33
C LEU A 187 -8.22 2.89 0.34
N TYR A 188 -9.14 2.17 -0.31
CA TYR A 188 -10.42 1.77 0.27
C TYR A 188 -10.77 0.37 -0.23
N GLY A 189 -11.84 -0.19 0.31
CA GLY A 189 -12.30 -1.51 -0.06
C GLY A 189 -12.34 -2.45 1.11
N PRO A 190 -12.17 -3.76 0.84
CA PRO A 190 -12.30 -4.75 1.91
C PRO A 190 -11.26 -4.62 3.01
N ASN A 191 -11.68 -5.01 4.23
CA ASN A 191 -10.87 -4.91 5.45
C ASN A 191 -10.40 -3.49 5.71
N ASP A 192 -11.18 -2.50 5.29
CA ASP A 192 -10.90 -1.13 5.65
C ASP A 192 -11.17 -0.92 7.14
N ASN A 193 -10.85 0.28 7.62
CA ASN A 193 -10.99 0.62 9.04
C ASN A 193 -12.25 1.46 9.21
N PHE A 194 -13.33 0.84 9.70
CA PHE A 194 -14.54 1.59 10.02
C PHE A 194 -14.64 1.95 11.49
N ASP A 195 -13.55 1.86 12.25
CA ASP A 195 -13.59 2.25 13.65
C ASP A 195 -13.96 3.74 13.75
N PRO A 196 -14.68 4.14 14.81
CA PRO A 196 -15.01 5.57 14.94
C PRO A 196 -13.78 6.44 15.04
N THR A 197 -12.63 5.89 15.45
CA THR A 197 -11.37 6.62 15.46
C THR A 197 -10.55 6.43 14.19
N SER A 198 -11.13 5.85 13.14
CA SER A 198 -10.39 5.68 11.90
C SER A 198 -10.08 7.03 11.27
N SER A 199 -8.91 7.14 10.67
CA SER A 199 -8.53 8.34 9.96
C SER A 199 -8.85 8.30 8.48
N HIS A 200 -9.41 7.19 7.99
CA HIS A 200 -9.72 7.05 6.57
C HIS A 200 -10.97 7.85 6.24
N VAL A 201 -10.86 8.80 5.29
CA VAL A 201 -11.97 9.70 4.97
C VAL A 201 -13.22 8.93 4.58
N LEU A 202 -13.11 8.04 3.60
CA LEU A 202 -14.31 7.38 3.06
C LEU A 202 -15.07 6.55 4.09
N PRO A 203 -14.43 5.69 4.88
CA PRO A 203 -15.19 5.00 5.95
C PRO A 203 -15.93 5.95 6.87
N ALA A 204 -15.26 6.99 7.35
CA ALA A 204 -15.89 7.94 8.25
C ALA A 204 -17.03 8.68 7.58
N LEU A 205 -16.94 8.92 6.27
CA LEU A 205 -18.03 9.56 5.56
C LEU A 205 -19.25 8.66 5.51
N ILE A 206 -19.07 7.42 5.03
CA ILE A 206 -20.15 6.44 5.08
C ILE A 206 -20.72 6.36 6.49
N ARG A 207 -19.85 6.42 7.50
CA ARG A 207 -20.32 6.39 8.89
C ARG A 207 -21.11 7.65 9.24
N ARG A 208 -20.49 8.83 9.06
CA ARG A 208 -21.15 10.08 9.46
C ARG A 208 -22.45 10.29 8.70
N VAL A 209 -22.51 9.87 7.44
CA VAL A 209 -23.73 10.04 6.65
C VAL A 209 -24.79 9.00 7.00
N HIS A 210 -24.36 7.83 7.46
CA HIS A 210 -25.33 6.81 7.87
C HIS A 210 -25.96 7.16 9.20
N GLU A 211 -25.14 7.61 10.17
CA GLU A 211 -25.68 8.07 11.44
C GLU A 211 -26.58 9.28 11.23
N ALA A 212 -26.34 10.05 10.18
CA ALA A 212 -27.23 11.14 9.83
C ALA A 212 -28.46 10.66 9.07
N ARG A 213 -28.36 9.55 8.33
CA ARG A 213 -29.51 9.08 7.54
C ARG A 213 -30.59 8.49 8.43
N MET A 214 -30.22 7.62 9.37
CA MET A 214 -31.22 6.99 10.23
C MET A 214 -31.63 7.86 11.40
N ARG A 215 -30.85 8.91 11.72
CA ARG A 215 -31.26 9.95 12.64
C ARG A 215 -32.08 11.05 11.98
N GLY A 216 -32.07 11.14 10.64
CA GLY A 216 -32.81 12.16 9.93
C GLY A 216 -32.47 13.58 10.34
N ALA A 217 -31.25 14.01 10.04
CA ALA A 217 -30.82 15.38 10.31
C ALA A 217 -30.76 16.18 9.01
N GLU A 218 -30.59 17.48 9.16
CA GLU A 218 -30.55 18.39 8.02
C GLU A 218 -29.12 18.63 7.54
N PRO A 228 -11.75 20.89 -2.34
CA PRO A 228 -10.49 20.42 -2.92
C PRO A 228 -10.60 19.00 -3.48
N LEU A 229 -9.66 18.63 -4.34
CA LEU A 229 -9.70 17.33 -5.01
C LEU A 229 -9.01 16.25 -4.19
N ARG A 230 -9.53 15.03 -4.29
CA ARG A 230 -8.99 13.88 -3.58
C ARG A 230 -8.95 12.68 -4.53
N GLU A 231 -8.25 11.64 -4.10
CA GLU A 231 -8.00 10.46 -4.90
C GLU A 231 -8.19 9.22 -4.03
N PHE A 232 -8.82 8.18 -4.59
CA PHE A 232 -9.10 6.96 -3.84
C PHE A 232 -8.93 5.74 -4.73
N LEU A 233 -8.11 4.79 -4.29
CA LEU A 233 -7.73 3.61 -5.07
C LEU A 233 -8.28 2.37 -4.39
N HIS A 234 -8.89 1.49 -5.18
CA HIS A 234 -9.47 0.29 -4.60
C HIS A 234 -8.37 -0.72 -4.28
N VAL A 235 -8.43 -1.29 -3.07
CA VAL A 235 -7.33 -2.15 -2.64
C VAL A 235 -7.13 -3.33 -3.58
N ASP A 236 -8.21 -3.82 -4.20
CA ASP A 236 -8.07 -4.94 -5.12
C ASP A 236 -7.45 -4.51 -6.45
N ASP A 237 -7.66 -3.27 -6.88
CA ASP A 237 -6.87 -2.74 -7.98
C ASP A 237 -5.39 -2.61 -7.58
N LEU A 238 -5.12 -2.11 -6.37
CA LEU A 238 -3.73 -1.99 -5.94
C LEU A 238 -3.05 -3.36 -5.94
N ALA A 239 -3.75 -4.38 -5.41
CA ALA A 239 -3.17 -5.71 -5.38
C ALA A 239 -2.88 -6.21 -6.78
N ASP A 240 -3.79 -5.94 -7.72
CA ASP A 240 -3.55 -6.35 -9.10
C ASP A 240 -2.34 -5.63 -9.67
N ALA A 241 -2.25 -4.33 -9.42
CA ALA A 241 -1.11 -3.58 -9.92
C ALA A 241 0.20 -4.07 -9.32
N CYS A 242 0.19 -4.54 -8.07
CA CYS A 242 1.45 -5.00 -7.48
C CYS A 242 1.95 -6.25 -8.18
N LEU A 243 1.04 -7.17 -8.46
CA LEU A 243 1.45 -8.37 -9.18
C LEU A 243 1.85 -8.02 -10.60
N HIS A 244 1.22 -7.00 -11.19
CA HIS A 244 1.60 -6.56 -12.52
C HIS A 244 3.03 -6.04 -12.54
N LEU A 245 3.38 -5.18 -11.57
CA LEU A 245 4.75 -4.70 -11.48
C LEU A 245 5.71 -5.87 -11.34
N LEU A 246 5.37 -6.82 -10.46
CA LEU A 246 6.20 -8.00 -10.29
C LEU A 246 6.37 -8.77 -11.59
N ARG A 247 5.32 -8.83 -12.42
CA ARG A 247 5.41 -9.58 -13.66
CA ARG A 247 5.41 -9.58 -13.66
CA ARG A 247 5.42 -9.58 -13.66
C ARG A 247 6.08 -8.79 -14.78
N PHE A 248 5.95 -7.47 -14.79
CA PHE A 248 6.45 -6.71 -15.93
C PHE A 248 7.50 -5.65 -15.64
N TYR A 249 7.68 -5.19 -14.40
CA TYR A 249 8.51 -4.03 -14.12
C TYR A 249 9.86 -4.44 -13.58
N ASN A 250 10.93 -4.03 -14.25
CA ASN A 250 12.28 -4.32 -13.80
C ASN A 250 13.10 -3.10 -13.42
N GLY A 251 12.56 -1.89 -13.56
CA GLY A 251 13.30 -0.70 -13.20
C GLY A 251 13.73 -0.68 -11.74
N ILE A 252 14.54 0.32 -11.43
CA ILE A 252 15.05 0.53 -10.10
C ILE A 252 14.23 1.56 -9.34
N GLU A 253 13.78 2.59 -10.05
CA GLU A 253 13.02 3.69 -9.49
C GLU A 253 11.64 3.19 -9.03
N PRO A 254 11.00 3.91 -8.12
CA PRO A 254 9.66 3.49 -7.66
CA PRO A 254 9.66 3.50 -7.66
C PRO A 254 8.61 3.77 -8.73
N VAL A 255 7.42 3.20 -8.51
CA VAL A 255 6.32 3.32 -9.45
C VAL A 255 5.06 3.72 -8.67
N ASN A 256 4.50 4.87 -9.00
CA ASN A 256 3.24 5.26 -8.41
C ASN A 256 2.14 4.28 -8.84
N ILE A 257 1.25 3.94 -7.93
CA ILE A 257 0.01 3.25 -8.26
C ILE A 257 -1.11 4.16 -7.77
N GLY A 258 -1.75 4.87 -8.69
CA GLY A 258 -2.79 5.83 -8.34
C GLY A 258 -4.18 5.38 -8.76
N SER A 259 -5.16 6.22 -8.42
CA SER A 259 -6.52 5.96 -8.86
C SER A 259 -6.72 6.41 -10.31
N GLY A 260 -6.35 7.65 -10.61
CA GLY A 260 -6.68 8.24 -11.89
C GLY A 260 -7.98 9.02 -11.84
N GLU A 261 -9.07 8.32 -11.55
CA GLU A 261 -10.36 8.98 -11.35
C GLU A 261 -10.31 9.77 -10.04
N GLU A 262 -10.24 11.09 -10.16
CA GLU A 262 -10.28 11.95 -8.99
C GLU A 262 -11.74 12.22 -8.59
N ILE A 263 -11.91 12.90 -7.46
CA ILE A 263 -13.22 13.34 -6.98
C ILE A 263 -13.01 14.35 -5.85
N SER A 264 -13.88 15.35 -5.77
CA SER A 264 -13.78 16.33 -4.71
C SER A 264 -14.52 15.84 -3.48
N ILE A 265 -14.07 16.32 -2.30
CA ILE A 265 -14.78 16.03 -1.06
C ILE A 265 -16.22 16.49 -1.17
N LYS A 266 -16.45 17.58 -1.90
CA LYS A 266 -17.81 17.99 -2.23
C LYS A 266 -18.50 16.92 -3.07
N GLU A 267 -17.96 16.64 -4.26
CA GLU A 267 -18.53 15.59 -5.10
C GLU A 267 -18.57 14.25 -4.38
N LEU A 268 -17.56 13.98 -3.54
CA LEU A 268 -17.53 12.72 -2.81
C LEU A 268 -18.70 12.63 -1.84
N ALA A 269 -19.04 13.74 -1.19
CA ALA A 269 -20.14 13.73 -0.24
C ALA A 269 -21.47 13.43 -0.93
N LEU A 270 -21.71 14.05 -2.10
CA LEU A 270 -22.94 13.78 -2.85
C LEU A 270 -22.96 12.34 -3.35
N THR A 271 -21.81 11.79 -3.75
CA THR A 271 -21.77 10.37 -4.10
C THR A 271 -22.09 9.52 -2.88
N VAL A 272 -21.53 9.88 -1.72
CA VAL A 272 -21.77 9.12 -0.49
C VAL A 272 -23.22 9.25 -0.05
N ALA A 273 -23.73 10.49 0.02
CA ALA A 273 -25.12 10.70 0.46
C ALA A 273 -26.10 9.95 -0.42
N ARG A 274 -25.84 9.90 -1.73
CA ARG A 274 -26.70 9.12 -2.63
C ARG A 274 -26.58 7.63 -2.35
N ILE A 275 -25.43 7.17 -1.85
CA ILE A 275 -25.30 5.77 -1.47
C ILE A 275 -26.11 5.49 -0.21
N VAL A 276 -25.99 6.36 0.80
CA VAL A 276 -26.63 6.12 2.09
C VAL A 276 -28.07 6.64 2.15
N GLY A 277 -28.55 7.28 1.09
CA GLY A 277 -29.92 7.75 1.09
C GLY A 277 -30.18 8.96 1.96
N TYR A 278 -29.14 9.73 2.28
CA TYR A 278 -29.31 10.92 3.11
C TYR A 278 -30.02 12.03 2.35
N GLU A 279 -30.69 12.91 3.10
CA GLU A 279 -31.29 14.10 2.51
C GLU A 279 -31.21 15.29 3.48
N ARG A 294 -5.35 18.25 -5.03
CA ARG A 294 -4.12 18.77 -4.44
C ARG A 294 -3.38 17.70 -3.65
N LYS A 295 -3.48 16.43 -4.10
CA LYS A 295 -2.75 15.33 -3.49
C LYS A 295 -2.74 14.12 -4.42
N LEU A 296 -2.55 14.36 -5.72
CA LEU A 296 -2.73 13.33 -6.75
C LEU A 296 -1.39 12.87 -7.33
N LEU A 297 -1.29 11.58 -7.63
CA LEU A 297 -0.08 10.99 -8.17
C LEU A 297 -0.07 11.10 -9.69
N ASP A 298 1.13 11.18 -10.26
CA ASP A 298 1.31 11.07 -11.71
C ASP A 298 1.51 9.59 -12.03
N THR A 299 0.58 9.01 -12.79
CA THR A 299 0.61 7.59 -13.09
C THR A 299 1.14 7.29 -14.49
N SER A 300 1.89 8.20 -15.10
CA SER A 300 2.45 7.94 -16.44
C SER A 300 3.17 6.61 -16.49
N ARG A 301 3.87 6.28 -15.42
CA ARG A 301 4.78 5.15 -15.44
C ARG A 301 4.02 3.83 -15.47
N ILE A 302 3.06 3.66 -14.56
CA ILE A 302 2.30 2.43 -14.55
C ILE A 302 1.42 2.32 -15.81
N GLU A 303 0.98 3.46 -16.37
CA GLU A 303 0.23 3.41 -17.62
C GLU A 303 1.08 2.92 -18.77
N ALA A 304 2.36 3.29 -18.81
CA ALA A 304 3.24 2.76 -19.84
C ALA A 304 3.42 1.25 -19.70
N LEU A 305 3.05 0.68 -18.58
CA LEU A 305 3.04 -0.77 -18.41
C LEU A 305 1.68 -1.38 -18.73
N GLY A 306 0.77 -0.61 -19.32
CA GLY A 306 -0.50 -1.16 -19.73
C GLY A 306 -1.36 -1.64 -18.57
N TRP A 307 -1.24 -1.01 -17.41
CA TRP A 307 -2.12 -1.30 -16.29
C TRP A 307 -2.92 -0.05 -15.94
N GLN A 308 -4.21 -0.24 -15.66
CA GLN A 308 -5.07 0.86 -15.25
C GLN A 308 -6.11 0.27 -14.29
N PRO A 309 -6.49 0.98 -13.23
CA PRO A 309 -7.47 0.41 -12.30
C PRO A 309 -8.80 0.16 -12.98
N ARG A 310 -9.43 -0.95 -12.60
CA ARG A 310 -10.61 -1.44 -13.26
C ARG A 310 -11.87 -1.34 -12.41
N ILE A 311 -11.79 -0.90 -11.15
CA ILE A 311 -12.97 -0.75 -10.30
C ILE A 311 -13.38 0.72 -10.24
N HIS A 312 -14.64 0.98 -10.57
CA HIS A 312 -15.21 2.34 -10.52
C HIS A 312 -15.60 2.68 -9.09
N LEU A 313 -15.44 3.97 -8.74
CA LEU A 313 -15.66 4.40 -7.36
C LEU A 313 -17.06 4.08 -6.88
N GLU A 314 -18.08 4.33 -7.72
CA GLU A 314 -19.44 4.06 -7.29
C GLU A 314 -19.68 2.58 -7.09
N ASP A 315 -19.08 1.73 -7.94
CA ASP A 315 -19.22 0.29 -7.76
C ASP A 315 -18.58 -0.17 -6.45
N GLY A 316 -17.34 0.25 -6.19
CA GLY A 316 -16.67 -0.18 -4.98
C GLY A 316 -17.32 0.34 -3.72
N LEU A 317 -17.77 1.60 -3.74
CA LEU A 317 -18.42 2.19 -2.58
C LEU A 317 -19.70 1.44 -2.23
N ARG A 318 -20.57 1.23 -3.21
CA ARG A 318 -21.80 0.47 -2.96
C ARG A 318 -21.47 -0.93 -2.49
N ASP A 319 -20.50 -1.59 -3.14
CA ASP A 319 -20.11 -2.93 -2.73
C ASP A 319 -19.54 -2.93 -1.32
N VAL A 320 -18.92 -1.82 -0.89
CA VAL A 320 -18.41 -1.72 0.47
C VAL A 320 -19.47 -1.18 1.43
N TYR A 321 -20.45 -0.40 0.94
CA TYR A 321 -21.51 0.08 1.82
C TYR A 321 -22.34 -1.07 2.38
N ARG A 322 -22.61 -2.08 1.54
CA ARG A 322 -23.46 -3.20 1.94
C ARG A 322 -22.72 -4.18 2.84
N ASN A 323 -21.42 -4.39 2.60
CA ASN A 323 -20.64 -5.25 3.49
C ASN A 323 -20.57 -4.68 4.90
N TRP A 324 -20.50 -3.35 5.01
CA TRP A 324 -20.50 -2.72 6.33
C TRP A 324 -21.84 -2.87 7.03
N LEU A 325 -22.93 -2.91 6.27
CA LEU A 325 -24.24 -3.20 6.85
C LEU A 325 -24.29 -4.64 7.33
N GLU A 326 -24.07 -5.60 6.41
CA GLU A 326 -24.12 -7.02 6.72
C GLU A 326 -23.04 -7.46 7.72
N GLU A 327 -22.14 -6.57 8.12
CA GLU A 327 -21.15 -6.89 9.16
C GLU A 327 -21.21 -5.91 10.32
PA NAP B . -2.33 -2.64 8.02
O1A NAP B . -2.16 -2.07 9.37
O2A NAP B . -3.72 -2.82 7.47
O5B NAP B . -1.52 -4.06 7.88
C5B NAP B . -0.51 -4.08 8.77
C4B NAP B . 0.02 -5.49 8.65
O4B NAP B . 1.36 -5.58 9.11
C3B NAP B . -0.87 -6.42 9.53
O3B NAP B . -0.81 -7.72 9.00
C2B NAP B . -0.06 -6.45 10.81
O2B NAP B . -0.19 -7.58 11.49
C1B NAP B . 1.35 -6.54 10.15
N9A NAP B . 2.44 -6.25 11.11
C8A NAP B . 2.62 -5.08 11.88
N7A NAP B . 3.75 -5.13 12.65
C5A NAP B . 4.32 -6.38 12.34
C6A NAP B . 5.49 -7.03 12.78
N6A NAP B . 6.33 -6.43 13.72
N1A NAP B . 5.84 -8.26 12.34
C2A NAP B . 4.96 -8.80 11.43
N3A NAP B . 3.84 -8.31 10.91
C4A NAP B . 3.50 -7.09 11.39
O3 NAP B . -1.56 -1.55 7.05
PN NAP B . -2.21 -1.38 5.59
O1N NAP B . -2.29 -2.66 4.86
O2N NAP B . -3.23 -0.27 5.53
O5D NAP B . -0.88 -0.52 4.73
C5D NAP B . 0.24 -1.32 4.58
C4D NAP B . 1.25 -0.56 3.65
O4D NAP B . 0.60 -0.24 2.37
C3D NAP B . 1.60 0.82 4.26
O3D NAP B . 2.72 0.68 5.16
C2D NAP B . 1.98 1.61 2.97
O2D NAP B . 3.29 1.31 2.47
C1D NAP B . 0.95 1.02 1.93
N1N NAP B . -0.19 1.90 1.88
C2N NAP B . -0.05 3.09 1.21
C3N NAP B . -0.99 4.06 1.24
C7N NAP B . -0.64 5.26 0.49
O7N NAP B . 0.15 5.27 -0.47
N7N NAP B . -1.19 6.46 0.92
C4N NAP B . -2.28 3.91 1.97
C5N NAP B . -2.38 2.55 2.61
C6N NAP B . -1.39 1.63 2.56
P2B NAP B . -1.41 -7.58 12.81
O1X NAP B . -0.42 -7.58 13.94
O2X NAP B . -2.15 -8.89 12.53
O3X NAP B . -2.15 -6.30 12.54
C1 GOL C . -5.53 -3.70 12.92
O1 GOL C . -4.70 -3.12 13.92
C2 GOL C . -4.75 -3.59 11.56
O2 GOL C . -3.34 -3.81 11.73
C3 GOL C . -5.45 -4.64 10.61
O3 GOL C . -5.82 -3.95 9.40
#